data_5Y7W
#
_entry.id   5Y7W
#
_cell.length_a   62.501
_cell.length_b   62.501
_cell.length_c   137.177
_cell.angle_alpha   90.00
_cell.angle_beta   90.00
_cell.angle_gamma   120.00
#
_symmetry.space_group_name_H-M   'P 61'
#
loop_
_entity.id
_entity.type
_entity.pdbx_description
1 polymer 'Nuclear receptor coactivator 1'
2 polymer 'YL-2 peptide'
3 water water
#
loop_
_entity_poly.entity_id
_entity_poly.type
_entity_poly.pdbx_seq_one_letter_code
_entity_poly.pdbx_strand_id
1 'polypeptide(L)'
;DIFEAQKIEWHEGAHMTGVESFMTKQDTTGKIISIDTSSLRAAGRTGWEDLVRKCIYAFFQPQGREPSYARQLFQEVMTR
GTASSPSYRFILNDGTMLSAHTKCKLCYPQSPDMQPFIMGIHIIDRE
;
A,B
2 'polypeptide(L)' LLPPTEQDL(MK8)KL(ALC)(MK8)Y(NH2) C,D
#
loop_
_chem_comp.id
_chem_comp.type
_chem_comp.name
_chem_comp.formula
NH2 non-polymer 'AMINO GROUP' 'H2 N'
#
# COMPACT_ATOMS: atom_id res chain seq x y z
N ASP A 1 -33.52 17.88 10.61
CA ASP A 1 -34.10 17.70 9.30
C ASP A 1 -33.23 16.79 8.41
N ILE A 2 -33.45 16.84 7.10
CA ILE A 2 -32.81 15.90 6.18
C ILE A 2 -31.30 16.14 6.14
N PHE A 3 -30.86 17.39 6.09
CA PHE A 3 -29.43 17.70 6.13
C PHE A 3 -28.79 17.21 7.41
N GLU A 4 -29.44 17.45 8.55
CA GLU A 4 -28.87 17.05 9.84
C GLU A 4 -28.72 15.53 9.91
N ALA A 5 -29.75 14.80 9.48
CA ALA A 5 -29.70 13.34 9.50
C ALA A 5 -28.49 12.80 8.76
N GLN A 6 -27.97 13.56 7.79
CA GLN A 6 -26.79 13.15 7.05
C GLN A 6 -25.56 13.02 7.95
N LYS A 7 -25.53 13.77 9.05
CA LYS A 7 -24.37 13.80 9.93
C LYS A 7 -24.43 12.78 11.04
N ILE A 8 -25.62 12.23 11.33
CA ILE A 8 -25.79 11.26 12.41
C ILE A 8 -24.80 10.11 12.28
N GLU A 9 -24.83 9.43 11.13
CA GLU A 9 -24.06 8.21 10.97
C GLU A 9 -22.56 8.46 11.08
N TRP A 10 -22.10 9.62 10.64
CA TRP A 10 -20.67 9.89 10.69
C TRP A 10 -20.22 10.35 12.08
N HIS A 11 -21.10 11.04 12.83
CA HIS A 11 -20.80 11.32 14.23
C HIS A 11 -20.71 10.03 15.03
N GLU A 12 -21.56 9.05 14.72
CA GLU A 12 -21.51 7.77 15.41
C GLU A 12 -20.24 7.00 15.07
N GLY A 13 -19.80 7.07 13.81
CA GLY A 13 -18.58 6.41 13.39
C GLY A 13 -17.33 6.93 14.06
N ALA A 14 -17.37 8.13 14.62
CA ALA A 14 -16.22 8.74 15.28
C ALA A 14 -16.12 8.42 16.77
N HIS A 15 -17.07 7.66 17.32
CA HIS A 15 -17.10 7.32 18.74
C HIS A 15 -17.62 5.89 18.92
N MET A 16 -17.04 4.94 18.19
CA MET A 16 -17.46 3.55 18.28
C MET A 16 -16.56 2.85 19.29
N THR A 17 -17.16 2.40 20.38
CA THR A 17 -16.41 1.65 21.38
C THR A 17 -16.30 0.19 20.96
N GLY A 18 -15.10 -0.36 21.08
CA GLY A 18 -14.85 -1.74 20.73
C GLY A 18 -14.58 -2.01 19.26
N VAL A 19 -14.58 -0.99 18.41
CA VAL A 19 -14.36 -1.13 16.98
C VAL A 19 -13.17 -0.27 16.60
N GLU A 20 -12.17 -0.87 15.95
CA GLU A 20 -11.02 -0.12 15.47
C GLU A 20 -11.33 0.43 14.08
N SER A 21 -11.22 1.74 13.93
CA SER A 21 -11.55 2.35 12.66
C SER A 21 -10.92 3.73 12.55
N PHE A 22 -10.96 4.27 11.34
CA PHE A 22 -10.69 5.68 11.10
C PHE A 22 -11.57 6.11 9.94
N MET A 23 -11.69 7.42 9.75
CA MET A 23 -12.54 7.99 8.73
C MET A 23 -11.74 8.92 7.82
N THR A 24 -12.20 9.06 6.59
CA THR A 24 -11.56 9.93 5.63
C THR A 24 -12.61 10.80 4.98
N LYS A 25 -12.15 11.94 4.47
CA LYS A 25 -12.97 12.85 3.68
C LYS A 25 -12.24 13.04 2.35
N GLN A 26 -12.90 12.76 1.24
CA GLN A 26 -12.36 12.95 -0.10
C GLN A 26 -13.15 14.01 -0.83
N ASP A 27 -12.46 14.83 -1.60
CA ASP A 27 -13.21 15.69 -2.49
C ASP A 27 -13.72 14.83 -3.64
N THR A 28 -14.51 15.43 -4.51
CA THR A 28 -15.12 14.68 -5.59
C THR A 28 -14.17 14.43 -6.76
N THR A 29 -12.90 14.83 -6.68
CA THR A 29 -11.91 14.28 -7.60
C THR A 29 -11.25 13.03 -7.04
N GLY A 30 -11.54 12.66 -5.79
CA GLY A 30 -10.96 11.50 -5.14
C GLY A 30 -9.81 11.81 -4.20
N LYS A 31 -9.36 13.05 -4.14
CA LYS A 31 -8.22 13.39 -3.29
C LYS A 31 -8.63 13.42 -1.82
N ILE A 32 -7.84 12.75 -0.99
CA ILE A 32 -8.13 12.71 0.44
C ILE A 32 -7.80 14.07 1.03
N ILE A 33 -8.78 14.69 1.67
CA ILE A 33 -8.59 16.02 2.21
C ILE A 33 -8.52 16.04 3.73
N SER A 34 -9.00 15.00 4.41
CA SER A 34 -8.71 14.90 5.84
C SER A 34 -8.80 13.45 6.26
N ILE A 35 -8.11 13.13 7.36
CA ILE A 35 -8.15 11.80 7.94
C ILE A 35 -8.39 11.97 9.42
N ASP A 36 -9.45 11.34 9.93
CA ASP A 36 -9.81 11.43 11.34
C ASP A 36 -9.37 10.16 12.05
N THR A 37 -8.44 10.32 12.99
CA THR A 37 -7.85 9.22 13.74
C THR A 37 -8.11 9.32 15.23
N SER A 38 -9.11 10.11 15.64
CA SER A 38 -9.30 10.37 17.05
C SER A 38 -9.71 9.13 17.83
N SER A 39 -10.41 8.19 17.18
CA SER A 39 -10.78 6.96 17.85
C SER A 39 -9.56 6.09 18.14
N LEU A 40 -8.64 5.99 17.17
CA LEU A 40 -7.43 5.18 17.36
C LEU A 40 -6.52 5.78 18.43
N ARG A 41 -6.32 7.11 18.40
CA ARG A 41 -5.41 7.73 19.36
C ARG A 41 -5.98 7.70 20.78
N ALA A 42 -7.30 7.83 20.91
CA ALA A 42 -7.94 7.70 22.21
C ALA A 42 -7.75 6.29 22.78
N ALA A 43 -7.96 5.26 21.96
CA ALA A 43 -7.78 3.88 22.40
C ALA A 43 -6.34 3.54 22.78
N GLY A 44 -5.41 4.50 22.74
CA GLY A 44 -4.10 4.32 23.35
C GLY A 44 -3.22 3.22 22.78
N ARG A 45 -3.70 2.48 21.79
CA ARG A 45 -2.84 1.52 21.11
C ARG A 45 -1.74 2.27 20.39
N THR A 46 -0.50 1.86 20.61
CA THR A 46 0.61 2.42 19.85
C THR A 46 0.74 1.70 18.52
N GLY A 47 1.31 2.39 17.54
CA GLY A 47 1.37 1.87 16.19
C GLY A 47 0.21 2.26 15.32
N TRP A 48 -0.59 3.25 15.72
CA TRP A 48 -1.75 3.63 14.93
C TRP A 48 -1.35 4.29 13.63
N GLU A 49 -0.27 5.09 13.63
CA GLU A 49 0.15 5.72 12.40
C GLU A 49 0.51 4.69 11.35
N ASP A 50 1.22 3.64 11.76
CA ASP A 50 1.57 2.58 10.82
C ASP A 50 0.33 1.82 10.35
N LEU A 51 -0.63 1.60 11.27
CA LEU A 51 -1.87 0.94 10.88
C LEU A 51 -2.59 1.73 9.78
N VAL A 52 -2.71 3.04 9.96
CA VAL A 52 -3.46 3.86 9.01
C VAL A 52 -2.75 3.89 7.66
N ARG A 53 -1.43 4.11 7.67
CA ARG A 53 -0.68 4.13 6.42
C ARG A 53 -0.83 2.81 5.67
N LYS A 54 -0.63 1.70 6.36
CA LYS A 54 -0.72 0.42 5.67
C LYS A 54 -2.15 0.14 5.19
N CYS A 55 -3.16 0.51 5.98
CA CYS A 55 -4.53 0.28 5.55
C CYS A 55 -4.86 1.08 4.30
N ILE A 56 -4.43 2.34 4.26
CA ILE A 56 -4.72 3.19 3.11
C ILE A 56 -3.95 2.70 1.88
N TYR A 57 -2.71 2.30 2.05
CA TYR A 57 -1.98 1.80 0.88
C TYR A 57 -2.64 0.53 0.32
N ALA A 58 -3.09 -0.37 1.18
CA ALA A 58 -3.77 -1.58 0.70
C ALA A 58 -5.08 -1.22 -0.02
N PHE A 59 -5.78 -0.20 0.49
CA PHE A 59 -7.03 0.25 -0.11
C PHE A 59 -6.80 0.73 -1.55
N PHE A 60 -5.68 1.40 -1.82
CA PHE A 60 -5.42 1.97 -3.15
C PHE A 60 -4.62 1.06 -4.08
N GLN A 61 -4.19 -0.10 -3.61
CA GLN A 61 -3.36 -1.03 -4.36
C GLN A 61 -4.21 -1.83 -5.37
N PRO A 62 -3.72 -2.04 -6.60
CA PRO A 62 -4.51 -2.82 -7.57
C PRO A 62 -4.80 -4.23 -7.08
N GLN A 63 -5.99 -4.73 -7.43
CA GLN A 63 -6.49 -6.04 -6.97
C GLN A 63 -6.27 -7.05 -8.10
N GLY A 64 -5.04 -7.53 -8.18
CA GLY A 64 -4.66 -8.35 -9.32
C GLY A 64 -4.89 -7.65 -10.64
N ARG A 65 -5.84 -8.13 -11.42
CA ARG A 65 -6.14 -7.56 -12.72
C ARG A 65 -7.24 -6.50 -12.65
N GLU A 66 -7.95 -6.42 -11.55
CA GLU A 66 -9.04 -5.47 -11.34
C GLU A 66 -8.50 -4.17 -10.76
N PRO A 67 -9.28 -3.09 -10.81
CA PRO A 67 -8.85 -1.84 -10.16
C PRO A 67 -8.82 -2.00 -8.66
N SER A 68 -8.11 -1.08 -8.00
CA SER A 68 -8.09 -1.05 -6.55
C SER A 68 -9.50 -0.86 -6.02
N TYR A 69 -9.73 -1.30 -4.78
CA TYR A 69 -11.00 -1.01 -4.15
C TYR A 69 -11.24 0.50 -4.04
N ALA A 70 -10.18 1.31 -3.86
CA ALA A 70 -10.37 2.76 -3.84
C ALA A 70 -11.00 3.26 -5.14
N ARG A 71 -10.49 2.78 -6.28
N ARG A 71 -10.52 2.76 -6.28
CA ARG A 71 -11.03 3.18 -7.57
CA ARG A 71 -11.04 3.20 -7.57
C ARG A 71 -12.46 2.68 -7.73
C ARG A 71 -12.44 2.64 -7.83
N GLN A 72 -12.69 1.40 -7.42
CA GLN A 72 -14.03 0.83 -7.58
C GLN A 72 -15.04 1.59 -6.72
N LEU A 73 -14.68 1.89 -5.47
CA LEU A 73 -15.63 2.59 -4.60
C LEU A 73 -15.83 4.02 -5.05
N PHE A 74 -14.76 4.71 -5.46
CA PHE A 74 -14.90 6.09 -5.91
C PHE A 74 -15.78 6.15 -7.16
N GLN A 75 -15.57 5.26 -8.11
CA GLN A 75 -16.43 5.21 -9.28
C GLN A 75 -17.89 5.00 -8.89
N GLU A 76 -18.13 4.03 -7.99
CA GLU A 76 -19.51 3.74 -7.59
C GLU A 76 -20.10 4.86 -6.74
N VAL A 77 -19.32 5.46 -5.83
CA VAL A 77 -19.93 6.44 -4.94
C VAL A 77 -20.32 7.71 -5.69
N MET A 78 -19.62 8.06 -6.77
CA MET A 78 -19.99 9.21 -7.57
C MET A 78 -21.26 8.96 -8.38
N THR A 79 -21.45 7.74 -8.88
CA THR A 79 -22.64 7.42 -9.66
C THR A 79 -23.88 7.18 -8.79
N ARG A 80 -23.75 6.37 -7.72
CA ARG A 80 -24.91 5.96 -6.93
C ARG A 80 -24.97 6.55 -5.53
N GLY A 81 -23.92 7.25 -5.06
CA GLY A 81 -23.98 7.92 -3.78
C GLY A 81 -23.51 7.13 -2.56
N THR A 82 -23.23 5.83 -2.71
CA THR A 82 -22.75 4.99 -1.61
C THR A 82 -22.03 3.78 -2.19
N ALA A 83 -21.09 3.21 -1.43
CA ALA A 83 -20.30 2.08 -1.90
C ALA A 83 -19.64 1.38 -0.74
N SER A 84 -19.22 0.13 -0.97
CA SER A 84 -18.56 -0.64 0.07
C SER A 84 -17.58 -1.65 -0.52
N SER A 85 -16.47 -1.83 0.14
CA SER A 85 -15.48 -2.81 -0.28
C SER A 85 -15.63 -4.09 0.54
N PRO A 86 -15.20 -5.23 0.01
CA PRO A 86 -14.94 -6.39 0.86
C PRO A 86 -13.66 -6.20 1.65
N SER A 87 -13.26 -7.23 2.38
CA SER A 87 -12.05 -7.17 3.20
C SER A 87 -10.79 -7.18 2.33
N TYR A 88 -9.80 -6.40 2.74
CA TYR A 88 -8.47 -6.46 2.17
C TYR A 88 -7.48 -6.52 3.32
N ARG A 89 -6.29 -7.07 3.05
CA ARG A 89 -5.33 -7.34 4.10
C ARG A 89 -4.07 -6.52 3.93
N PHE A 90 -3.36 -6.35 5.03
CA PHE A 90 -2.10 -5.61 5.08
C PHE A 90 -1.31 -6.08 6.30
N ILE A 91 -0.01 -5.81 6.29
CA ILE A 91 0.92 -6.31 7.32
C ILE A 91 1.52 -5.13 8.06
N LEU A 92 1.34 -5.09 9.36
CA LEU A 92 1.90 -4.02 10.16
C LEU A 92 3.42 -4.12 10.19
N ASN A 93 4.06 -3.08 10.74
CA ASN A 93 5.52 -3.08 10.76
C ASN A 93 6.08 -4.17 11.67
N ASP A 94 5.31 -4.62 12.66
CA ASP A 94 5.71 -5.71 13.53
C ASP A 94 5.35 -7.09 12.98
N GLY A 95 4.86 -7.18 11.74
CA GLY A 95 4.58 -8.45 11.12
C GLY A 95 3.16 -8.95 11.29
N THR A 96 2.33 -8.28 12.08
CA THR A 96 0.96 -8.72 12.28
C THR A 96 0.14 -8.54 11.00
N MET A 97 -0.62 -9.57 10.67
CA MET A 97 -1.57 -9.50 9.56
C MET A 97 -2.90 -8.95 10.05
N LEU A 98 -3.43 -7.94 9.34
CA LEU A 98 -4.75 -7.41 9.66
C LEU A 98 -5.57 -7.34 8.38
N SER A 99 -6.88 -7.18 8.55
CA SER A 99 -7.75 -6.98 7.41
C SER A 99 -8.68 -5.81 7.72
N ALA A 100 -9.26 -5.25 6.66
CA ALA A 100 -10.15 -4.11 6.83
C ALA A 100 -11.11 -4.08 5.66
N HIS A 101 -12.22 -3.38 5.88
CA HIS A 101 -13.14 -3.08 4.79
C HIS A 101 -13.58 -1.63 4.92
N THR A 102 -14.07 -1.08 3.82
CA THR A 102 -14.34 0.34 3.73
C THR A 102 -15.78 0.53 3.25
N LYS A 103 -16.45 1.56 3.76
CA LYS A 103 -17.74 1.99 3.25
C LYS A 103 -17.70 3.50 3.04
N CYS A 104 -18.37 4.00 1.99
CA CYS A 104 -18.36 5.43 1.82
C CYS A 104 -19.66 5.94 1.19
N LYS A 105 -19.87 7.25 1.35
CA LYS A 105 -21.11 7.94 1.03
C LYS A 105 -20.81 9.34 0.51
N LEU A 106 -21.54 9.76 -0.51
CA LEU A 106 -21.48 11.15 -0.93
C LEU A 106 -22.37 11.99 -0.01
N CYS A 107 -21.84 13.10 0.51
CA CYS A 107 -22.52 13.98 1.45
C CYS A 107 -22.75 15.35 0.82
N TYR A 108 -23.98 15.85 0.90
CA TYR A 108 -24.32 17.14 0.29
C TYR A 108 -24.54 18.17 1.40
N PRO A 109 -23.54 18.98 1.71
CA PRO A 109 -23.69 19.87 2.87
C PRO A 109 -24.69 20.97 2.59
N GLN A 110 -25.31 21.43 3.68
CA GLN A 110 -26.32 22.48 3.58
C GLN A 110 -25.72 23.83 3.24
N SER A 111 -24.51 24.12 3.69
CA SER A 111 -23.93 25.45 3.51
C SER A 111 -23.61 25.66 2.05
N PRO A 112 -23.99 26.80 1.46
CA PRO A 112 -23.65 27.06 0.06
C PRO A 112 -22.15 27.24 -0.19
N ASP A 113 -21.35 27.49 0.84
CA ASP A 113 -19.93 27.71 0.61
C ASP A 113 -19.12 26.42 0.55
N MET A 114 -19.72 25.28 0.86
CA MET A 114 -19.03 24.00 0.85
C MET A 114 -19.40 23.21 -0.40
N GLN A 115 -18.48 22.39 -0.87
CA GLN A 115 -18.74 21.44 -1.94
C GLN A 115 -19.21 20.11 -1.38
N PRO A 116 -19.91 19.30 -2.17
CA PRO A 116 -20.12 17.90 -1.79
C PRO A 116 -18.80 17.21 -1.53
N PHE A 117 -18.82 16.19 -0.66
CA PHE A 117 -17.61 15.44 -0.39
C PHE A 117 -17.99 13.99 -0.10
N ILE A 118 -16.98 13.13 -0.07
CA ILE A 118 -17.14 11.71 0.16
C ILE A 118 -16.60 11.42 1.55
N MET A 119 -17.44 10.87 2.41
CA MET A 119 -17.02 10.39 3.72
C MET A 119 -16.77 8.89 3.63
N GLY A 120 -15.65 8.45 4.16
CA GLY A 120 -15.29 7.04 4.15
C GLY A 120 -14.98 6.57 5.55
N ILE A 121 -15.40 5.36 5.88
CA ILE A 121 -15.02 4.75 7.14
C ILE A 121 -14.30 3.44 6.83
N HIS A 122 -13.19 3.23 7.51
CA HIS A 122 -12.35 2.05 7.30
C HIS A 122 -12.34 1.29 8.62
N ILE A 123 -12.85 0.07 8.61
CA ILE A 123 -13.03 -0.69 9.84
C ILE A 123 -12.08 -1.88 9.82
N ILE A 124 -11.30 -2.03 10.89
CA ILE A 124 -10.40 -3.18 11.05
C ILE A 124 -11.20 -4.39 11.51
N ASP A 125 -10.95 -5.53 10.88
CA ASP A 125 -11.77 -6.72 11.12
C ASP A 125 -11.15 -7.60 12.20
N GLU B 20 14.32 -2.62 -18.66
CA GLU B 20 14.00 -1.86 -17.44
C GLU B 20 13.87 -2.78 -16.22
N SER B 21 14.86 -2.72 -15.32
CA SER B 21 14.90 -3.64 -14.19
C SER B 21 15.80 -3.10 -13.10
N PHE B 22 15.69 -3.73 -11.94
CA PHE B 22 16.64 -3.52 -10.85
C PHE B 22 16.82 -4.86 -10.15
N MET B 23 17.86 -4.92 -9.33
CA MET B 23 18.23 -6.16 -8.67
C MET B 23 18.29 -5.95 -7.17
N THR B 24 18.07 -7.04 -6.44
CA THR B 24 18.12 -7.03 -4.99
C THR B 24 18.94 -8.20 -4.49
N LYS B 25 19.44 -8.05 -3.27
CA LYS B 25 19.98 -9.15 -2.50
C LYS B 25 19.17 -9.26 -1.22
N GLN B 26 18.74 -10.47 -0.90
CA GLN B 26 18.09 -10.78 0.36
C GLN B 26 18.95 -11.75 1.14
N ASP B 27 18.91 -11.64 2.46
CA ASP B 27 19.54 -12.67 3.27
C ASP B 27 18.59 -13.87 3.38
N THR B 28 19.07 -14.93 4.03
CA THR B 28 18.27 -16.17 4.12
C THR B 28 17.13 -16.06 5.12
N THR B 29 16.92 -14.92 5.77
CA THR B 29 15.65 -14.66 6.44
C THR B 29 14.67 -13.89 5.56
N GLY B 30 15.06 -13.51 4.35
CA GLY B 30 14.17 -12.76 3.45
C GLY B 30 14.35 -11.25 3.49
N LYS B 31 15.14 -10.73 4.42
CA LYS B 31 15.37 -9.31 4.51
C LYS B 31 16.23 -8.81 3.35
N ILE B 32 15.81 -7.72 2.72
CA ILE B 32 16.59 -7.10 1.66
C ILE B 32 17.84 -6.45 2.26
N ILE B 33 19.00 -6.78 1.70
CA ILE B 33 20.26 -6.23 2.18
C ILE B 33 21.03 -5.46 1.11
N SER B 34 20.60 -5.46 -0.15
CA SER B 34 21.20 -4.59 -1.14
C SER B 34 20.22 -4.39 -2.28
N ILE B 35 20.29 -3.23 -2.91
CA ILE B 35 19.51 -2.92 -4.10
C ILE B 35 20.45 -2.34 -5.15
N ASP B 36 20.39 -2.88 -6.36
CA ASP B 36 21.23 -2.41 -7.46
C ASP B 36 20.30 -1.69 -8.44
N THR B 37 20.51 -0.38 -8.58
CA THR B 37 19.73 0.47 -9.45
C THR B 37 20.54 1.01 -10.64
N SER B 38 21.74 0.48 -10.87
CA SER B 38 22.60 1.06 -11.90
C SER B 38 21.96 1.00 -13.27
N SER B 39 21.21 -0.07 -13.56
CA SER B 39 20.57 -0.17 -14.86
C SER B 39 19.50 0.91 -15.06
N LEU B 40 18.72 1.20 -14.02
CA LEU B 40 17.72 2.27 -14.16
C LEU B 40 18.37 3.64 -14.25
N ARG B 41 19.46 3.86 -13.51
CA ARG B 41 20.10 5.17 -13.53
C ARG B 41 20.78 5.44 -14.87
N ALA B 42 21.25 4.39 -15.54
CA ALA B 42 21.81 4.52 -16.88
C ALA B 42 20.75 4.62 -17.97
N ALA B 43 19.46 4.57 -17.62
CA ALA B 43 18.40 4.47 -18.62
C ALA B 43 17.83 5.83 -19.06
N GLY B 44 18.14 6.92 -18.37
CA GLY B 44 17.74 8.23 -18.87
C GLY B 44 16.32 8.68 -18.58
N ARG B 45 15.58 7.98 -17.71
CA ARG B 45 14.23 8.37 -17.34
C ARG B 45 14.22 8.86 -15.90
N THR B 46 13.61 10.01 -15.67
CA THR B 46 13.40 10.43 -14.30
C THR B 46 12.40 9.48 -13.63
N GLY B 47 12.41 9.48 -12.31
CA GLY B 47 11.39 8.79 -11.56
C GLY B 47 11.71 7.38 -11.14
N TRP B 48 12.95 6.92 -11.34
CA TRP B 48 13.27 5.52 -11.05
C TRP B 48 13.15 5.21 -9.56
N GLU B 49 13.42 6.19 -8.70
CA GLU B 49 13.35 5.95 -7.27
C GLU B 49 11.92 5.62 -6.82
N ASP B 50 10.93 6.38 -7.30
CA ASP B 50 9.53 6.08 -7.01
C ASP B 50 9.15 4.72 -7.56
N LEU B 51 9.60 4.40 -8.77
CA LEU B 51 9.33 3.10 -9.37
C LEU B 51 9.84 1.94 -8.49
N VAL B 52 11.06 2.06 -7.97
CA VAL B 52 11.63 0.96 -7.19
C VAL B 52 10.89 0.80 -5.86
N ARG B 53 10.59 1.92 -5.18
N ARG B 53 10.55 1.92 -5.21
CA ARG B 53 9.82 1.87 -3.94
CA ARG B 53 9.84 1.83 -3.93
C ARG B 53 8.48 1.19 -4.16
C ARG B 53 8.44 1.24 -4.11
N LYS B 54 7.74 1.62 -5.19
CA LYS B 54 6.42 1.09 -5.45
C LYS B 54 6.49 -0.39 -5.83
N CYS B 55 7.50 -0.77 -6.61
CA CYS B 55 7.64 -2.17 -7.02
C CYS B 55 7.96 -3.06 -5.82
N ILE B 56 8.87 -2.63 -4.95
CA ILE B 56 9.22 -3.42 -3.77
C ILE B 56 8.00 -3.56 -2.85
N TYR B 57 7.32 -2.46 -2.57
CA TYR B 57 6.16 -2.55 -1.68
C TYR B 57 5.08 -3.45 -2.25
N ALA B 58 4.81 -3.39 -3.57
CA ALA B 58 3.83 -4.31 -4.15
C ALA B 58 4.33 -5.77 -4.06
N PHE B 59 5.63 -5.98 -4.17
CA PHE B 59 6.17 -7.34 -4.07
C PHE B 59 5.87 -7.96 -2.72
N PHE B 60 5.97 -7.18 -1.65
CA PHE B 60 5.75 -7.64 -0.29
C PHE B 60 4.29 -7.53 0.17
N GLN B 61 3.39 -7.08 -0.67
CA GLN B 61 2.04 -6.85 -0.15
C GLN B 61 1.17 -8.11 -0.29
N PRO B 62 0.31 -8.42 0.67
CA PRO B 62 -0.56 -9.61 0.54
C PRO B 62 -1.40 -9.56 -0.73
N GLN B 63 -1.64 -10.74 -1.30
CA GLN B 63 -2.31 -10.88 -2.60
C GLN B 63 -3.71 -11.46 -2.35
N GLY B 64 -4.66 -10.58 -2.05
CA GLY B 64 -6.01 -11.05 -1.76
C GLY B 64 -5.97 -11.92 -0.53
N ARG B 65 -6.37 -13.18 -0.68
CA ARG B 65 -6.29 -14.13 0.43
C ARG B 65 -4.98 -14.92 0.46
N GLU B 66 -4.22 -14.95 -0.65
CA GLU B 66 -2.92 -15.62 -0.74
C GLU B 66 -1.80 -14.74 -0.18
N PRO B 67 -0.65 -15.34 0.17
CA PRO B 67 0.47 -14.53 0.66
C PRO B 67 1.05 -13.62 -0.42
N SER B 68 1.85 -12.66 0.04
CA SER B 68 2.56 -11.79 -0.90
C SER B 68 3.46 -12.60 -1.79
N TYR B 69 3.77 -12.07 -2.97
CA TYR B 69 4.69 -12.80 -3.82
C TYR B 69 6.08 -12.90 -3.19
N ALA B 70 6.49 -11.90 -2.41
CA ALA B 70 7.77 -12.00 -1.71
C ALA B 70 7.80 -13.25 -0.84
N ARG B 71 6.75 -13.45 -0.05
CA ARG B 71 6.68 -14.60 0.84
C ARG B 71 6.63 -15.91 0.05
N GLN B 72 5.86 -15.95 -1.04
CA GLN B 72 5.78 -17.17 -1.86
C GLN B 72 7.13 -17.48 -2.50
N LEU B 73 7.84 -16.47 -2.99
CA LEU B 73 9.11 -16.74 -3.65
C LEU B 73 10.18 -17.18 -2.66
N PHE B 74 10.22 -16.53 -1.49
CA PHE B 74 11.18 -16.91 -0.46
C PHE B 74 11.02 -18.37 -0.08
N GLN B 75 9.79 -18.78 0.16
CA GLN B 75 9.53 -20.16 0.55
C GLN B 75 10.01 -21.13 -0.53
N GLU B 76 9.70 -20.83 -1.78
CA GLU B 76 10.08 -21.74 -2.86
C GLU B 76 11.59 -21.68 -3.16
N VAL B 77 12.20 -20.49 -3.08
CA VAL B 77 13.62 -20.41 -3.44
C VAL B 77 14.50 -21.15 -2.42
N MET B 78 14.08 -21.22 -1.17
CA MET B 78 14.91 -21.85 -0.16
C MET B 78 14.91 -23.37 -0.29
N THR B 79 13.97 -23.95 -1.04
CA THR B 79 13.88 -25.39 -1.25
C THR B 79 14.33 -25.78 -2.65
N ARG B 80 13.79 -25.11 -3.66
CA ARG B 80 14.05 -25.41 -5.06
C ARG B 80 15.36 -24.79 -5.55
N GLY B 81 15.84 -23.72 -4.92
CA GLY B 81 17.03 -23.01 -5.38
C GLY B 81 16.76 -21.83 -6.31
N THR B 82 15.60 -21.82 -6.99
CA THR B 82 15.19 -20.72 -7.86
C THR B 82 13.68 -20.56 -7.75
N ALA B 83 13.18 -19.38 -8.13
CA ALA B 83 11.75 -19.15 -8.12
C ALA B 83 11.46 -17.90 -8.93
N SER B 84 10.23 -17.81 -9.43
CA SER B 84 9.81 -16.62 -10.16
C SER B 84 8.34 -16.34 -9.87
N SER B 85 7.97 -15.10 -9.97
CA SER B 85 6.63 -14.71 -9.59
C SER B 85 5.75 -14.48 -10.81
N PRO B 86 4.44 -14.52 -10.64
CA PRO B 86 3.53 -13.90 -11.62
C PRO B 86 3.75 -12.40 -11.69
N SER B 87 3.08 -11.77 -12.66
CA SER B 87 3.03 -10.32 -12.74
C SER B 87 2.17 -9.74 -11.62
N TYR B 88 2.68 -8.66 -11.02
CA TYR B 88 1.92 -7.87 -10.06
C TYR B 88 1.98 -6.42 -10.50
N ARG B 89 1.02 -5.61 -10.05
CA ARG B 89 0.87 -4.26 -10.55
C ARG B 89 1.11 -3.24 -9.44
N PHE B 90 1.49 -2.02 -9.85
CA PHE B 90 1.67 -0.92 -8.92
C PHE B 90 1.51 0.39 -9.67
N ILE B 91 1.36 1.48 -8.93
CA ILE B 91 0.96 2.77 -9.48
C ILE B 91 1.99 3.82 -9.09
N LEU B 92 2.51 4.55 -10.07
CA LEU B 92 3.48 5.61 -9.80
C LEU B 92 2.78 6.84 -9.23
N ASN B 93 3.59 7.77 -8.70
CA ASN B 93 3.05 8.96 -8.05
C ASN B 93 2.09 9.77 -8.94
N ASP B 94 2.26 9.68 -10.26
CA ASP B 94 1.44 10.42 -11.21
C ASP B 94 0.26 9.61 -11.74
N GLY B 95 0.02 8.43 -11.18
CA GLY B 95 -1.09 7.61 -11.59
C GLY B 95 -0.78 6.58 -12.67
N THR B 96 0.46 6.54 -13.18
CA THR B 96 0.84 5.54 -14.17
C THR B 96 0.81 4.13 -13.57
N MET B 97 0.16 3.21 -14.27
CA MET B 97 0.06 1.82 -13.89
C MET B 97 1.16 1.01 -14.58
N LEU B 98 2.04 0.39 -13.78
CA LEU B 98 3.04 -0.53 -14.27
C LEU B 98 2.78 -1.94 -13.73
N SER B 99 3.41 -2.92 -14.37
CA SER B 99 3.48 -4.27 -13.84
C SER B 99 4.93 -4.71 -13.80
N ALA B 100 5.20 -5.73 -13.00
CA ALA B 100 6.54 -6.28 -12.89
C ALA B 100 6.42 -7.75 -12.56
N HIS B 101 7.53 -8.47 -12.72
CA HIS B 101 7.63 -9.82 -12.17
C HIS B 101 9.06 -10.03 -11.70
N THR B 102 9.24 -11.01 -10.83
CA THR B 102 10.48 -11.24 -10.10
C THR B 102 10.98 -12.67 -10.31
N LYS B 103 12.27 -12.79 -10.61
CA LYS B 103 12.99 -14.06 -10.61
C LYS B 103 14.06 -13.97 -9.56
N CYS B 104 14.27 -15.05 -8.81
CA CYS B 104 15.35 -15.04 -7.85
C CYS B 104 15.99 -16.42 -7.75
N LYS B 105 17.17 -16.44 -7.14
CA LYS B 105 18.06 -17.59 -7.13
C LYS B 105 18.83 -17.61 -5.83
N LEU B 106 18.90 -18.76 -5.16
CA LEU B 106 19.68 -18.88 -3.95
C LEU B 106 21.14 -19.17 -4.28
N CYS B 107 22.06 -18.46 -3.63
N CYS B 107 22.06 -18.40 -3.70
CA CYS B 107 23.50 -18.62 -3.85
CA CYS B 107 23.48 -18.67 -3.84
C CYS B 107 24.16 -18.97 -2.52
C CYS B 107 24.07 -19.02 -2.49
N TYR B 108 24.64 -20.22 -2.40
CA TYR B 108 25.39 -20.66 -1.24
C TYR B 108 26.86 -20.64 -1.66
N PRO B 109 27.61 -19.59 -1.36
CA PRO B 109 28.96 -19.47 -1.93
C PRO B 109 29.94 -20.46 -1.33
N GLN B 110 30.98 -20.79 -2.12
CA GLN B 110 32.07 -21.62 -1.63
C GLN B 110 33.06 -20.82 -0.79
N SER B 111 33.29 -19.56 -1.14
CA SER B 111 34.21 -18.72 -0.38
C SER B 111 33.68 -18.52 1.04
N PRO B 112 34.57 -18.48 2.04
CA PRO B 112 34.11 -18.26 3.43
C PRO B 112 33.75 -16.81 3.72
N ASP B 113 34.17 -15.87 2.88
CA ASP B 113 33.99 -14.45 3.12
C ASP B 113 32.65 -13.92 2.60
N MET B 114 31.75 -14.79 2.15
CA MET B 114 30.48 -14.36 1.57
C MET B 114 29.32 -15.07 2.28
N GLN B 115 28.37 -14.29 2.80
CA GLN B 115 27.22 -14.94 3.41
C GLN B 115 26.29 -15.48 2.32
N PRO B 116 25.48 -16.49 2.64
CA PRO B 116 24.46 -16.93 1.67
C PRO B 116 23.43 -15.84 1.43
N PHE B 117 22.90 -15.80 0.22
CA PHE B 117 21.98 -14.74 -0.15
C PHE B 117 21.11 -15.16 -1.33
N ILE B 118 19.95 -14.53 -1.42
CA ILE B 118 19.03 -14.69 -2.53
C ILE B 118 19.19 -13.50 -3.46
N MET B 119 19.58 -13.78 -4.70
CA MET B 119 19.67 -12.76 -5.73
C MET B 119 18.33 -12.62 -6.42
N GLY B 120 17.84 -11.40 -6.56
CA GLY B 120 16.56 -11.17 -7.23
C GLY B 120 16.69 -10.16 -8.34
N ILE B 121 15.97 -10.42 -9.44
CA ILE B 121 15.82 -9.43 -10.49
C ILE B 121 14.33 -9.14 -10.66
N HIS B 122 13.99 -7.85 -10.75
CA HIS B 122 12.62 -7.36 -10.83
C HIS B 122 12.47 -6.62 -12.15
N ILE B 123 11.60 -7.13 -13.02
CA ILE B 123 11.57 -6.71 -14.42
C ILE B 123 10.26 -5.96 -14.65
N ILE B 124 10.36 -4.74 -15.14
CA ILE B 124 9.20 -3.87 -15.28
C ILE B 124 8.62 -4.01 -16.67
N ASP B 125 7.29 -4.09 -16.76
CA ASP B 125 6.59 -4.05 -18.04
C ASP B 125 5.75 -2.78 -18.07
N ARG B 126 6.17 -1.80 -18.88
CA ARG B 126 5.29 -0.68 -19.18
C ARG B 126 4.27 -1.03 -20.24
N GLU B 127 4.39 -2.20 -20.85
CA GLU B 127 3.42 -2.74 -21.78
C GLU B 127 2.08 -3.01 -21.10
N LEU C 1 -8.96 7.91 -10.05
CA LEU C 1 -8.35 8.85 -9.13
C LEU C 1 -6.88 8.51 -8.91
N LEU C 2 -6.15 9.44 -8.26
CA LEU C 2 -4.74 9.30 -7.90
C LEU C 2 -4.64 8.83 -6.46
N PRO C 3 -3.80 7.83 -6.16
CA PRO C 3 -3.55 7.51 -4.76
C PRO C 3 -2.80 8.64 -4.09
N PRO C 4 -2.94 8.78 -2.78
CA PRO C 4 -2.11 9.77 -2.10
C PRO C 4 -0.65 9.40 -2.18
N THR C 5 0.18 10.40 -2.44
CA THR C 5 1.62 10.25 -2.33
C THR C 5 2.01 10.24 -0.86
N GLU C 6 3.26 9.85 -0.60
CA GLU C 6 3.76 9.86 0.77
C GLU C 6 3.76 11.25 1.38
N GLN C 7 3.94 12.29 0.57
CA GLN C 7 3.87 13.64 1.08
C GLN C 7 2.44 14.05 1.38
N ASP C 8 1.47 13.60 0.57
CA ASP C 8 0.07 13.86 0.86
C ASP C 8 -0.31 13.30 2.22
N LEU C 9 0.05 12.04 2.46
CA LEU C 9 -0.26 11.39 3.71
C LEU C 9 0.45 12.09 4.85
C MK8 C 10 1.70 14.37 6.15
N MK8 C 10 1.74 12.38 4.66
O MK8 C 10 1.48 14.58 7.37
CA MK8 C 10 2.51 13.11 5.69
CB MK8 C 10 3.87 13.60 5.16
CD MK8 C 10 4.59 15.86 5.94
CE MK8 C 10 5.68 16.56 6.65
CG MK8 C 10 4.70 14.36 6.17
CB1 MK8 C 10 2.71 12.27 6.96
N LYS C 11 1.26 15.17 5.19
CA LYS C 11 0.50 16.37 5.47
C LYS C 11 -0.80 16.08 6.22
N LEU C 12 -1.46 14.98 5.86
CA LEU C 12 -2.74 14.63 6.48
C LEU C 12 -2.55 14.33 7.95
N ALC C 13 -1.40 13.77 8.31
CA ALC C 13 -1.11 13.52 9.71
C ALC C 13 -0.57 14.76 10.42
O ALC C 13 -0.94 15.05 11.56
CB ALC C 13 -0.11 12.39 9.94
CG ALC C 13 -0.48 11.16 9.13
CD2 ALC C 13 0.59 10.10 9.33
CE2 ALC C 13 0.22 8.82 8.62
CZ ALC C 13 -1.10 8.33 9.17
CE1 ALC C 13 -2.20 9.33 8.91
CD1 ALC C 13 -1.87 10.67 9.54
C MK8 C 14 -0.09 17.78 10.80
N MK8 C 14 0.30 15.50 9.74
O MK8 C 14 0.08 18.35 11.91
CA MK8 C 14 0.95 16.70 10.33
CB MK8 C 14 1.75 17.55 9.34
CD MK8 C 14 3.74 17.99 7.99
CE MK8 C 14 5.09 17.51 7.64
CG MK8 C 14 3.18 17.14 9.13
CB1 MK8 C 14 1.83 16.33 11.52
N TYR C 15 -1.10 18.06 9.97
CA TYR C 15 -2.01 19.14 10.26
C TYR C 15 -3.40 18.66 10.71
N NH2 C 16 -4.23 19.61 11.14
N LEU D 1 6.49 -12.01 5.46
CA LEU D 1 7.79 -11.37 5.27
C LEU D 1 7.61 -9.85 5.37
N LEU D 2 8.58 -9.19 6.02
CA LEU D 2 8.48 -7.76 6.26
C LEU D 2 9.19 -6.99 5.16
N PRO D 3 8.56 -5.98 4.57
CA PRO D 3 9.27 -5.12 3.64
C PRO D 3 10.21 -4.20 4.39
N PRO D 4 11.19 -3.60 3.72
CA PRO D 4 12.07 -2.65 4.42
C PRO D 4 11.28 -1.43 4.86
N THR D 5 11.60 -0.94 6.05
CA THR D 5 11.00 0.30 6.52
C THR D 5 11.53 1.46 5.69
N GLU D 6 10.92 2.65 5.90
CA GLU D 6 11.34 3.82 5.14
C GLU D 6 12.79 4.16 5.41
N GLN D 7 13.25 4.02 6.65
CA GLN D 7 14.62 4.35 6.97
C GLN D 7 15.61 3.33 6.42
N ASP D 8 15.24 2.04 6.42
CA ASP D 8 16.11 1.02 5.83
C ASP D 8 16.23 1.20 4.34
N LEU D 9 15.10 1.41 3.67
CA LEU D 9 15.06 1.71 2.24
C LEU D 9 16.02 2.83 1.91
C MK8 D 10 18.24 4.72 2.48
N MK8 D 10 15.88 3.92 2.67
O MK8 D 10 18.97 5.16 1.57
CA MK8 D 10 16.70 5.11 2.50
CB MK8 D 10 16.50 6.14 3.62
CD MK8 D 10 18.48 7.34 4.48
CE MK8 D 10 19.60 8.20 4.05
CG MK8 D 10 17.34 7.39 3.48
CB1 MK8 D 10 16.44 5.84 1.17
N LYS D 11 18.67 3.90 3.44
CA LYS D 11 20.05 3.47 3.54
C LYS D 11 20.40 2.57 2.36
N LEU D 12 19.44 1.76 1.93
CA LEU D 12 19.67 0.84 0.82
C LEU D 12 19.99 1.57 -0.46
N ALC D 13 19.43 2.76 -0.63
CA ALC D 13 19.65 3.52 -1.83
C ALC D 13 20.97 4.25 -1.76
O ALC D 13 21.82 4.20 -2.67
CB ALC D 13 18.57 4.57 -2.15
CG ALC D 13 17.20 3.97 -2.35
CD2 ALC D 13 17.31 2.90 -3.42
CE2 ALC D 13 15.98 2.17 -3.53
CZ ALC D 13 14.81 3.09 -3.80
CE1 ALC D 13 14.78 4.31 -2.91
CD1 ALC D 13 16.15 4.97 -2.79
C MK8 D 14 23.71 4.85 -0.57
N MK8 D 14 21.16 4.95 -0.64
O MK8 D 14 24.62 5.27 -1.33
CA MK8 D 14 22.39 5.72 -0.39
CB MK8 D 14 22.50 6.18 1.07
CD MK8 D 14 21.64 7.62 2.92
CE MK8 D 14 20.74 8.75 3.25
CG MK8 D 14 21.57 7.31 1.43
CB1 MK8 D 14 22.49 6.93 -1.33
N TYR D 15 23.75 3.71 0.10
CA TYR D 15 24.94 2.87 0.12
C TYR D 15 24.87 1.69 -0.85
N NH2 D 16 25.80 0.75 -0.70
#